data_3OTU
#
_entry.id   3OTU
#
_cell.length_a   44.296
_cell.length_b   69.029
_cell.length_c   46.928
_cell.angle_alpha   90.00
_cell.angle_beta   104.71
_cell.angle_gamma   90.00
#
_symmetry.space_group_name_H-M   'P 1 21 1'
#
loop_
_entity.id
_entity.type
_entity.pdbx_description
1 polymer '3-phosphoinositide-dependent protein kinase 1'
2 non-polymer 4-[4-(naphthalen-1-ylmethyl)piperazin-1-yl]-4-oxobutane-1-thiol
3 non-polymer 3-(1H-INDOL-3-YL)-4-{1-[2-(1-METHYLPYRROLIDIN-2-YL)ETHYL]-1H-INDOL-3-YL}-1H-PYRROLE-2,5-DIONE
4 non-polymer 'SULFATE ION'
5 non-polymer 'CHLORIDE ION'
6 water water
#
_entity_poly.entity_id   1
_entity_poly.type   'polypeptide(L)'
_entity_poly.pdbx_seq_one_letter_code
;GAMDPEFMDGTAAEPRPGAGSLQHAQPPPQPRKKRPEDFKFGKILGEGSFSTVVLARELATSREYAIKILEKRHIIKENK
VPYVTRERDVMSRLDHPFFVKLYFCFQDDEKLYFGLSYAKNGELLKYIRKIGSFDETCTRFYTAEIVSALEYLHGKGIIH
RDLKPENILLNEDMHIQITDFGTAKVLSPESKQARAN(SEP)FVGTAQYVSPELLTEKSACKSSDLWALGCIIYQLVAGL
PPFRAGNEYLIFQKIIKLEYDFPEKFFPKARDLVEKLLVLDATKRLGCEEMEGYGPLKAHPFFESVTWENLHQQTPPKLT
;
_entity_poly.pdbx_strand_id   A
#
loop_
_chem_comp.id
_chem_comp.type
_chem_comp.name
_chem_comp.formula
BI4 non-polymer 3-(1H-INDOL-3-YL)-4-{1-[2-(1-METHYLPYRROLIDIN-2-YL)ETHYL]-1H-INDOL-3-YL}-1H-PYRROLE-2,5-DIONE 'C27 H26 N4 O2'
CL non-polymer 'CHLORIDE ION' 'Cl -1'
J30 non-polymer 4-[4-(naphthalen-1-ylmethyl)piperazin-1-yl]-4-oxobutane-1-thiol 'C19 H24 N2 O S'
SO4 non-polymer 'SULFATE ION' 'O4 S -2'
#
# COMPACT_ATOMS: atom_id res chain seq x y z
N LYS A 34 24.19 -0.09 -13.76
CA LYS A 34 24.03 1.36 -13.92
C LYS A 34 24.85 2.14 -12.90
N ARG A 35 25.40 3.27 -13.31
CA ARG A 35 26.26 4.05 -12.44
C ARG A 35 25.67 5.44 -12.13
N PRO A 36 25.96 5.96 -10.93
CA PRO A 36 25.51 7.27 -10.47
C PRO A 36 25.65 8.36 -11.53
N GLU A 37 26.75 8.30 -12.27
CA GLU A 37 27.08 9.36 -13.20
C GLU A 37 26.09 9.40 -14.36
N ASP A 38 25.29 8.34 -14.47
CA ASP A 38 24.33 8.21 -15.57
C ASP A 38 23.08 9.07 -15.35
N PHE A 39 22.91 9.58 -14.13
CA PHE A 39 21.67 10.25 -13.75
C PHE A 39 21.84 11.71 -13.38
N LYS A 40 20.85 12.53 -13.70
CA LYS A 40 20.66 13.80 -13.00
C LYS A 40 19.86 13.50 -11.75
N PHE A 41 20.36 13.92 -10.60
CA PHE A 41 19.61 13.82 -9.36
C PHE A 41 18.84 15.12 -9.10
N GLY A 42 17.56 15.12 -9.45
CA GLY A 42 16.70 16.30 -9.40
C GLY A 42 15.98 16.58 -8.07
N LYS A 43 14.74 17.05 -8.15
CA LYS A 43 13.95 17.44 -6.99
C LYS A 43 13.94 16.35 -5.93
N ILE A 44 14.19 16.73 -4.70
CA ILE A 44 14.01 15.81 -3.57
C ILE A 44 12.51 15.63 -3.41
N LEU A 45 12.03 14.40 -3.59
CA LEU A 45 10.60 14.14 -3.51
C LEU A 45 10.16 14.03 -2.06
N GLY A 46 11.03 13.49 -1.22
CA GLY A 46 10.71 13.30 0.19
C GLY A 46 11.94 12.87 0.94
N GLU A 47 11.96 13.11 2.24
CA GLU A 47 13.17 12.85 3.04
C GLU A 47 12.85 12.00 4.26
N SER A 49 12.76 9.70 6.43
CA SER A 49 13.26 9.31 7.75
C SER A 49 14.72 8.85 7.66
N PHE A 50 14.94 7.61 7.22
CA PHE A 50 16.31 7.15 6.99
C PHE A 50 16.66 7.02 5.50
N SER A 51 15.96 7.80 4.67
CA SER A 51 16.23 7.82 3.25
C SER A 51 15.81 9.14 2.63
N THR A 52 16.42 9.46 1.49
CA THR A 52 16.02 10.63 0.73
C THR A 52 15.62 10.15 -0.66
N VAL A 53 14.38 10.44 -1.08
CA VAL A 53 13.94 10.00 -2.40
C VAL A 53 14.03 11.17 -3.37
N VAL A 54 14.77 10.97 -4.46
CA VAL A 54 14.96 12.04 -5.42
C VAL A 54 14.38 11.64 -6.77
N LEU A 55 13.75 12.59 -7.44
CA LEU A 55 13.38 12.46 -8.84
C LEU A 55 14.62 12.51 -9.76
N ALA A 56 15.01 11.36 -10.32
CA ALA A 56 16.21 11.25 -11.17
C ALA A 56 15.86 11.04 -12.64
N ARG A 57 16.69 11.58 -13.52
CA ARG A 57 16.55 11.36 -14.96
C ARG A 57 17.81 10.69 -15.46
N GLU A 58 17.62 9.53 -16.08
CA GLU A 58 18.70 8.85 -16.76
C GLU A 58 18.94 9.60 -18.07
N LEU A 59 20.16 10.10 -18.24
CA LEU A 59 20.43 11.10 -19.28
C LEU A 59 20.19 10.63 -20.71
N ALA A 60 20.75 9.46 -21.04
CA ALA A 60 20.70 8.98 -22.42
C ALA A 60 19.32 8.51 -22.88
N THR A 61 18.55 7.90 -21.98
CA THR A 61 17.20 7.44 -22.30
C THR A 61 16.15 8.49 -21.95
N SER A 62 16.53 9.41 -21.07
CA SER A 62 15.60 10.36 -20.47
C SER A 62 14.50 9.72 -19.61
N ARG A 63 14.67 8.44 -19.24
CA ARG A 63 13.73 7.82 -18.30
C ARG A 63 13.84 8.43 -16.91
N GLU A 64 12.70 8.69 -16.28
CA GLU A 64 12.67 9.15 -14.92
C GLU A 64 12.56 7.98 -13.95
N TYR A 65 13.26 8.09 -12.83
CA TYR A 65 13.14 7.13 -11.73
C TYR A 65 13.08 7.87 -10.43
N ALA A 66 12.49 7.22 -9.44
CA ALA A 66 12.58 7.70 -8.08
C ALA A 66 13.79 7.00 -7.48
N ILE A 67 14.84 7.76 -7.19
CA ILE A 67 16.01 7.12 -6.61
C ILE A 67 16.00 7.32 -5.09
N LYS A 68 15.97 6.19 -4.40
CA LYS A 68 16.05 6.18 -2.96
C LYS A 68 17.52 6.14 -2.60
N ILE A 69 17.94 7.14 -1.82
CA ILE A 69 19.31 7.25 -1.39
C ILE A 69 19.42 6.95 0.11
N LEU A 70 20.37 6.09 0.47
CA LEU A 70 20.55 5.72 1.88
C LEU A 70 22.00 5.86 2.32
N GLU A 71 22.20 6.39 3.51
CA GLU A 71 23.53 6.45 4.12
C GLU A 71 23.74 5.16 4.86
N LYS A 72 24.72 4.39 4.41
CA LYS A 72 25.03 3.12 5.06
C LYS A 72 25.14 3.30 6.57
N ARG A 73 25.94 4.26 7.01
CA ARG A 73 26.22 4.43 8.43
C ARG A 73 24.98 4.87 9.23
N HIS A 74 24.12 5.65 8.60
CA HIS A 74 22.90 6.16 9.22
C HIS A 74 21.82 5.08 9.30
N ILE A 75 21.82 4.22 8.29
CA ILE A 75 20.96 3.05 8.31
C ILE A 75 21.37 2.14 9.47
N ILE A 76 22.67 1.99 9.71
CA ILE A 76 23.14 1.22 10.86
C ILE A 76 22.74 1.89 12.19
N LYS A 77 23.10 3.13 12.38
CA LYS A 77 22.76 3.78 13.63
C LYS A 77 21.26 3.86 13.95
N GLU A 78 20.40 3.99 12.95
CA GLU A 78 18.97 4.02 13.23
C GLU A 78 18.42 2.61 13.28
N ASN A 79 19.25 1.63 13.09
CA ASN A 79 18.77 0.30 13.14
C ASN A 79 17.70 -0.01 12.13
N LYS A 80 17.97 0.33 10.87
CA LYS A 80 17.07 0.03 9.76
C LYS A 80 17.60 -0.89 8.63
N VAL A 81 18.63 -1.68 8.88
CA VAL A 81 19.13 -2.56 7.84
C VAL A 81 18.10 -3.59 7.41
N PRO A 82 17.31 -4.07 8.34
CA PRO A 82 16.28 -5.05 7.98
C PRO A 82 15.30 -4.51 6.94
N TYR A 83 14.94 -3.23 7.07
CA TYR A 83 13.99 -2.64 6.13
C TYR A 83 14.59 -2.64 4.74
N VAL A 84 15.86 -2.26 4.65
CA VAL A 84 16.53 -2.16 3.35
C VAL A 84 16.70 -3.51 2.66
N THR A 85 17.22 -4.50 3.38
CA THR A 85 17.44 -5.81 2.75
C THR A 85 16.09 -6.38 2.35
N ARG A 86 15.11 -6.23 3.23
CA ARG A 86 13.78 -6.76 2.94
C ARG A 86 13.11 -6.05 1.77
N GLU A 87 13.26 -4.73 1.71
CA GLU A 87 12.72 -3.96 0.59
C GLU A 87 13.24 -4.53 -0.72
N ARG A 88 14.57 -4.68 -0.82
CA ARG A 88 15.22 -5.26 -1.98
C ARG A 88 14.71 -6.66 -2.34
N ASP A 89 14.75 -7.57 -1.37
CA ASP A 89 14.29 -8.94 -1.61
C ASP A 89 12.88 -9.01 -2.19
N VAL A 90 11.97 -8.25 -1.61
CA VAL A 90 10.57 -8.31 -2.00
C VAL A 90 10.35 -7.69 -3.37
N MET A 91 10.82 -6.46 -3.54
CA MET A 91 10.59 -5.76 -4.81
C MET A 91 11.19 -6.53 -6.00
N SER A 92 12.30 -7.23 -5.76
CA SER A 92 12.94 -8.04 -6.80
C SER A 92 12.04 -9.18 -7.29
N ARG A 93 11.00 -9.49 -6.55
CA ARG A 93 10.08 -10.55 -6.96
C ARG A 93 8.85 -10.00 -7.71
N LEU A 94 8.73 -8.67 -7.76
CA LEU A 94 7.49 -8.07 -8.26
C LEU A 94 7.57 -7.68 -9.72
N ASP A 95 6.54 -8.06 -10.46
CA ASP A 95 6.43 -7.70 -11.86
C ASP A 95 4.95 -7.57 -12.22
N HIS A 96 4.39 -6.41 -11.92
CA HIS A 96 2.96 -6.16 -12.10
C HIS A 96 2.78 -4.66 -12.22
N PRO A 97 1.84 -4.22 -13.07
CA PRO A 97 1.69 -2.79 -13.36
C PRO A 97 1.34 -1.97 -12.12
N PHE A 98 0.70 -2.60 -11.14
CA PHE A 98 0.18 -1.87 -9.98
C PHE A 98 1.20 -1.73 -8.86
N PHE A 99 2.44 -2.08 -9.16
CA PHE A 99 3.48 -2.09 -8.14
C PHE A 99 4.65 -1.25 -8.59
N VAL A 100 5.26 -0.52 -7.67
CA VAL A 100 6.54 0.12 -7.99
C VAL A 100 7.57 -0.99 -8.20
N LYS A 101 8.38 -0.86 -9.24
CA LYS A 101 9.38 -1.87 -9.54
C LYS A 101 10.76 -1.38 -9.14
N LEU A 102 11.63 -2.33 -8.79
CA LEU A 102 13.02 -2.03 -8.50
C LEU A 102 13.84 -2.28 -9.76
N TYR A 103 14.29 -1.20 -10.40
CA TYR A 103 14.91 -1.30 -11.71
C TYR A 103 16.42 -1.47 -11.65
N PHE A 104 17.04 -0.89 -10.62
CA PHE A 104 18.48 -1.00 -10.45
C PHE A 104 18.87 -0.66 -9.03
N CYS A 105 20.06 -1.09 -8.66
CA CYS A 105 20.62 -0.85 -7.36
C CYS A 105 22.08 -0.66 -7.59
N PHE A 106 22.66 0.37 -7.00
CA PHE A 106 24.11 0.51 -6.99
C PHE A 106 24.57 1.21 -5.72
N GLN A 107 25.88 1.28 -5.56
CA GLN A 107 26.48 1.84 -4.39
C GLN A 107 27.79 2.51 -4.63
N ASP A 108 28.22 3.24 -3.63
CA ASP A 108 29.50 3.88 -3.63
C ASP A 108 29.94 3.75 -2.21
N ASP A 109 30.97 4.46 -1.84
CA ASP A 109 31.55 4.27 -0.53
C ASP A 109 30.66 4.53 0.64
N GLU A 110 29.86 5.56 0.60
CA GLU A 110 28.99 5.82 1.72
C GLU A 110 27.49 5.68 1.49
N LYS A 111 27.07 5.32 0.29
CA LYS A 111 25.66 5.35 -0.06
C LYS A 111 25.14 4.15 -0.77
N LEU A 112 23.86 3.87 -0.61
CA LEU A 112 23.16 2.84 -1.34
C LEU A 112 22.12 3.56 -2.17
N TYR A 113 21.96 3.17 -3.43
CA TYR A 113 20.98 3.78 -4.33
C TYR A 113 19.99 2.76 -4.87
N PHE A 114 18.71 2.95 -4.55
CA PHE A 114 17.63 2.15 -5.14
C PHE A 114 16.92 2.95 -6.22
N GLY A 115 16.92 2.43 -7.44
CA GLY A 115 16.19 3.03 -8.56
C GLY A 115 14.81 2.42 -8.70
N LEU A 116 13.79 3.21 -8.38
CA LEU A 116 12.41 2.72 -8.41
C LEU A 116 11.58 3.41 -9.50
N SER A 117 10.43 2.80 -9.79
CA SER A 117 9.41 3.43 -10.60
C SER A 117 9.09 4.81 -10.01
N TYR A 118 9.00 5.81 -10.88
CA TYR A 118 8.59 7.14 -10.48
C TYR A 118 7.07 7.28 -10.69
N ALA A 119 6.36 7.59 -9.63
CA ALA A 119 4.93 7.79 -9.70
C ALA A 119 4.70 9.30 -9.60
N LYS A 120 4.47 9.94 -10.74
CA LYS A 120 4.50 11.39 -10.84
C LYS A 120 3.41 12.10 -10.02
N ASN A 121 2.29 11.42 -9.81
CA ASN A 121 1.19 12.04 -9.12
C ASN A 121 1.17 11.82 -7.60
N GLY A 122 2.24 11.20 -7.08
CA GLY A 122 2.40 11.09 -5.65
C GLY A 122 1.41 10.16 -4.97
N GLU A 123 1.11 10.46 -3.70
CA GLU A 123 0.37 9.56 -2.81
C GLU A 123 -1.13 9.67 -2.91
N LEU A 124 -1.80 8.52 -2.86
CA LEU A 124 -3.26 8.46 -2.76
C LEU A 124 -3.75 9.37 -1.64
N LEU A 125 -3.08 9.29 -0.50
CA LEU A 125 -3.36 10.14 0.65
C LEU A 125 -3.56 11.60 0.26
N LYS A 126 -2.67 12.12 -0.57
CA LYS A 126 -2.72 13.52 -1.00
C LYS A 126 -4.05 13.83 -1.64
N TYR A 127 -4.52 12.88 -2.46
CA TYR A 127 -5.78 13.06 -3.15
C TYR A 127 -7.00 13.00 -2.23
N ILE A 128 -6.96 12.11 -1.24
CA ILE A 128 -8.08 12.06 -0.30
C ILE A 128 -8.14 13.35 0.54
N ARG A 129 -6.98 13.89 0.91
CA ARG A 129 -6.94 15.10 1.70
C ARG A 129 -7.43 16.24 0.83
N LYS A 130 -6.90 16.29 -0.38
CA LYS A 130 -7.18 17.32 -1.36
C LYS A 130 -8.66 17.45 -1.69
N ILE A 131 -9.29 16.37 -2.13
CA ILE A 131 -10.69 16.47 -2.53
C ILE A 131 -11.69 16.03 -1.47
N GLY A 132 -11.19 15.54 -0.33
CA GLY A 132 -12.06 15.24 0.79
C GLY A 132 -12.47 13.78 0.86
N SER A 133 -13.29 13.36 -0.09
CA SER A 133 -13.68 11.96 -0.23
C SER A 133 -14.15 11.68 -1.66
N PHE A 134 -13.89 10.47 -2.13
CA PHE A 134 -14.16 10.07 -3.51
C PHE A 134 -15.63 9.78 -3.78
N ASP A 135 -16.09 10.11 -4.99
CA ASP A 135 -17.42 9.66 -5.40
C ASP A 135 -17.40 8.14 -5.51
N GLU A 136 -18.53 7.51 -5.78
CA GLU A 136 -18.54 6.06 -5.74
C GLU A 136 -17.79 5.47 -6.92
N THR A 137 -17.88 6.14 -8.07
CA THR A 137 -17.20 5.68 -9.28
C THR A 137 -15.69 5.60 -9.04
N CYS A 138 -15.11 6.66 -8.47
CA CYS A 138 -13.69 6.66 -8.17
C CYS A 138 -13.32 5.69 -7.06
N THR A 139 -14.09 5.68 -5.98
CA THR A 139 -13.87 4.71 -4.90
C THR A 139 -13.86 3.28 -5.48
N ARG A 140 -14.84 2.99 -6.32
CA ARG A 140 -14.97 1.64 -6.89
C ARG A 140 -13.77 1.28 -7.77
N PHE A 141 -13.34 2.22 -8.61
CA PHE A 141 -12.24 1.92 -9.51
C PHE A 141 -10.89 1.70 -8.80
N TYR A 142 -10.51 2.63 -7.92
CA TYR A 142 -9.26 2.49 -7.19
C TYR A 142 -9.29 1.31 -6.18
N THR A 143 -10.43 1.06 -5.56
CA THR A 143 -10.51 -0.08 -4.67
C THR A 143 -10.25 -1.34 -5.50
N ALA A 144 -10.82 -1.36 -6.70
CA ALA A 144 -10.62 -2.48 -7.62
C ALA A 144 -9.14 -2.69 -7.97
N GLU A 145 -8.42 -1.61 -8.24
CA GLU A 145 -7.01 -1.72 -8.58
C GLU A 145 -6.18 -2.22 -7.40
N ILE A 146 -6.55 -1.80 -6.19
CA ILE A 146 -5.85 -2.23 -5.01
C ILE A 146 -6.12 -3.72 -4.77
N VAL A 147 -7.37 -4.14 -4.91
CA VAL A 147 -7.72 -5.55 -4.78
C VAL A 147 -6.95 -6.40 -5.79
N SER A 148 -6.95 -5.92 -7.03
CA SER A 148 -6.19 -6.57 -8.09
C SER A 148 -4.70 -6.65 -7.71
N ALA A 149 -4.17 -5.59 -7.11
CA ALA A 149 -2.79 -5.61 -6.66
C ALA A 149 -2.55 -6.65 -5.56
N LEU A 150 -3.38 -6.61 -4.51
CA LEU A 150 -3.26 -7.56 -3.40
C LEU A 150 -3.33 -9.03 -3.88
N GLU A 151 -4.25 -9.33 -4.79
CA GLU A 151 -4.38 -10.68 -5.32
C GLU A 151 -3.06 -11.19 -5.90
N TYR A 152 -2.38 -10.32 -6.64
CA TYR A 152 -1.06 -10.62 -7.20
C TYR A 152 0.01 -10.81 -6.13
N LEU A 153 0.08 -9.86 -5.20
CA LEU A 153 1.04 -9.92 -4.12
C LEU A 153 0.82 -11.20 -3.31
N HIS A 154 -0.41 -11.41 -2.86
CA HIS A 154 -0.69 -12.56 -2.02
C HIS A 154 -0.46 -13.84 -2.81
N GLY A 155 -0.71 -13.78 -4.13
CA GLY A 155 -0.45 -14.89 -5.01
C GLY A 155 0.99 -15.36 -4.96
N LYS A 156 1.91 -14.42 -4.84
CA LYS A 156 3.33 -14.71 -4.71
C LYS A 156 3.73 -14.97 -3.26
N GLY A 157 2.75 -15.16 -2.39
CA GLY A 157 2.99 -15.38 -0.97
C GLY A 157 3.66 -14.26 -0.21
N ILE A 158 3.36 -13.01 -0.55
CA ILE A 158 3.96 -11.87 0.14
C ILE A 158 2.90 -11.08 0.90
N ILE A 159 3.20 -10.66 2.10
CA ILE A 159 2.28 -9.90 2.90
C ILE A 159 2.79 -8.49 3.04
N HIS A 160 2.01 -7.50 2.68
CA HIS A 160 2.57 -6.17 2.73
C HIS A 160 2.87 -5.69 4.11
N ARG A 161 1.87 -5.75 4.96
CA ARG A 161 1.90 -5.44 6.37
C ARG A 161 1.78 -3.97 6.74
N ASP A 162 1.99 -3.06 5.82
CA ASP A 162 1.84 -1.66 6.11
C ASP A 162 1.11 -0.93 5.01
N LEU A 163 0.07 -1.52 4.47
CA LEU A 163 -0.62 -0.89 3.38
C LEU A 163 -1.40 0.33 3.84
N LYS A 164 -1.28 1.43 3.12
CA LYS A 164 -2.01 2.66 3.48
C LYS A 164 -1.99 3.71 2.38
N PRO A 165 -2.82 4.77 2.48
CA PRO A 165 -2.90 5.73 1.36
C PRO A 165 -1.54 6.36 1.07
N GLU A 166 -0.72 6.51 2.11
CA GLU A 166 0.62 7.07 1.93
C GLU A 166 1.49 6.24 0.99
N ASN A 167 1.19 4.94 0.96
CA ASN A 167 1.96 3.90 0.25
C ASN A 167 1.33 3.49 -1.05
N ILE A 168 0.13 3.98 -1.33
CA ILE A 168 -0.48 3.71 -2.63
C ILE A 168 -0.29 4.97 -3.47
N LEU A 169 0.58 4.87 -4.47
CA LEU A 169 1.00 6.02 -5.31
C LEU A 169 0.22 6.06 -6.61
N LEU A 170 0.16 7.23 -7.24
CA LEU A 170 -0.47 7.32 -8.54
C LEU A 170 0.53 7.76 -9.59
N ASN A 171 0.63 6.98 -10.67
CA ASN A 171 1.53 7.33 -11.76
C ASN A 171 0.95 8.41 -12.68
N GLU A 172 1.69 8.69 -13.75
CA GLU A 172 1.29 9.70 -14.72
C GLU A 172 -0.06 9.38 -15.35
N ASP A 173 -0.38 8.10 -15.45
CA ASP A 173 -1.66 7.70 -16.03
C ASP A 173 -2.75 7.58 -14.97
N MET A 174 -2.39 7.89 -13.73
CA MET A 174 -3.32 7.90 -12.60
C MET A 174 -3.75 6.46 -12.22
N HIS A 175 -2.95 5.50 -12.63
CA HIS A 175 -3.07 4.14 -12.14
C HIS A 175 -2.26 3.98 -10.86
N ILE A 176 -2.71 3.13 -9.94
CA ILE A 176 -1.98 2.98 -8.68
C ILE A 176 -0.63 2.31 -8.90
N GLN A 177 0.29 2.59 -7.99
CA GLN A 177 1.55 1.88 -7.90
C GLN A 177 1.92 1.77 -6.43
N ILE A 178 1.78 0.59 -5.87
CA ILE A 178 2.08 0.34 -4.49
C ILE A 178 3.58 0.31 -4.27
N THR A 179 4.01 0.75 -3.12
CA THR A 179 5.43 0.85 -2.77
C THR A 179 5.62 0.59 -1.29
N ASP A 180 6.80 0.91 -0.75
CA ASP A 180 7.08 0.71 0.68
C ASP A 180 7.04 -0.75 1.16
N PHE A 181 7.90 -1.56 0.61
CA PHE A 181 7.96 -2.99 0.93
C PHE A 181 8.98 -3.38 2.00
N GLY A 182 9.55 -2.40 2.65
CA GLY A 182 10.55 -2.62 3.66
C GLY A 182 10.12 -3.39 4.88
N THR A 183 8.83 -3.33 5.13
CA THR A 183 8.15 -3.97 6.25
C THR A 183 7.37 -5.20 5.83
N ALA A 184 7.58 -5.65 4.59
CA ALA A 184 6.82 -6.80 4.07
C ALA A 184 7.33 -8.15 4.62
N LYS A 185 6.56 -9.19 4.41
CA LYS A 185 6.95 -10.53 4.84
C LYS A 185 6.70 -11.57 3.75
N VAL A 186 7.69 -12.37 3.45
CA VAL A 186 7.51 -13.46 2.50
C VAL A 186 7.12 -14.73 3.26
N LEU A 187 5.92 -15.23 3.01
CA LEU A 187 5.45 -16.47 3.62
C LEU A 187 6.15 -17.70 3.06
N SER A 188 6.22 -18.75 3.88
CA SER A 188 6.79 -20.03 3.46
C SER A 188 5.70 -20.93 2.90
N ALA A 194 -0.07 -18.75 4.90
CA ALA A 194 0.09 -19.05 6.31
C ALA A 194 0.11 -17.76 7.12
N ARG A 195 0.94 -17.74 8.18
CA ARG A 195 1.08 -16.58 9.06
C ARG A 195 2.56 -16.24 9.27
N ALA A 196 2.83 -15.24 10.13
CA ALA A 196 4.20 -14.90 10.51
C ALA A 196 4.26 -13.92 11.68
N ASN A 197 5.45 -13.72 12.24
CA ASN A 197 5.68 -12.90 13.43
C ASN A 197 6.55 -11.69 13.25
N SEP A 198 6.05 -10.48 13.49
CA SEP A 198 6.89 -9.27 13.47
CB SEP A 198 7.47 -8.98 12.07
OG SEP A 198 8.88 -8.77 12.07
C SEP A 198 6.16 -8.06 14.08
O SEP A 198 4.97 -8.12 14.27
P SEP A 198 9.54 -9.70 10.96
O1P SEP A 198 10.12 -8.93 9.73
O2P SEP A 198 10.79 -10.40 11.61
O3P SEP A 198 8.52 -10.77 10.43
N PHE A 199 6.85 -6.96 14.38
CA PHE A 199 6.17 -5.83 15.01
C PHE A 199 6.22 -4.55 14.19
N VAL A 200 5.31 -4.50 13.24
CA VAL A 200 5.27 -3.42 12.28
C VAL A 200 3.87 -2.97 11.92
N GLY A 201 3.79 -1.75 11.44
CA GLY A 201 2.54 -1.22 10.97
C GLY A 201 2.42 0.26 11.11
N THR A 202 1.26 0.76 10.74
CA THR A 202 0.86 2.13 11.00
C THR A 202 -0.44 2.03 11.78
N ALA A 203 -0.49 2.67 12.94
CA ALA A 203 -1.62 2.52 13.86
C ALA A 203 -2.99 2.47 13.16
N GLN A 204 -3.29 3.48 12.34
CA GLN A 204 -4.61 3.59 11.70
C GLN A 204 -5.04 2.34 10.92
N TYR A 205 -4.10 1.59 10.37
CA TYR A 205 -4.43 0.45 9.50
C TYR A 205 -3.99 -0.91 10.03
N VAL A 206 -3.47 -0.96 11.24
CA VAL A 206 -2.90 -2.21 11.76
C VAL A 206 -4.02 -3.19 12.08
N SER A 207 -3.86 -4.45 11.69
CA SER A 207 -4.89 -5.45 11.96
C SER A 207 -4.92 -5.88 13.44
N PRO A 208 -6.05 -6.43 13.89
CA PRO A 208 -6.19 -6.92 15.26
C PRO A 208 -5.14 -7.99 15.59
N GLU A 209 -4.95 -8.94 14.68
CA GLU A 209 -4.05 -10.07 14.93
C GLU A 209 -2.61 -9.63 15.18
N LEU A 210 -2.21 -8.53 14.55
CA LEU A 210 -0.86 -8.03 14.75
C LEU A 210 -0.70 -7.52 16.18
N LEU A 211 -1.75 -6.90 16.69
CA LEU A 211 -1.72 -6.32 18.03
C LEU A 211 -1.89 -7.37 19.15
N THR A 212 -2.63 -8.43 18.90
CA THR A 212 -2.95 -9.38 19.96
C THR A 212 -2.20 -10.73 19.88
N GLU A 213 -1.76 -11.10 18.68
CA GLU A 213 -0.96 -12.32 18.52
C GLU A 213 0.44 -11.98 18.03
N LYS A 214 0.69 -10.70 17.79
CA LYS A 214 1.93 -10.25 17.16
C LYS A 214 2.25 -11.05 15.89
N SER A 215 1.24 -11.32 15.08
CA SER A 215 1.43 -12.12 13.87
C SER A 215 0.60 -11.59 12.70
N ALA A 216 1.20 -11.60 11.51
CA ALA A 216 0.52 -11.12 10.31
C ALA A 216 0.28 -12.25 9.32
N CYS A 217 -0.85 -12.17 8.63
CA CYS A 217 -1.14 -13.04 7.50
C CYS A 217 -1.61 -12.18 6.32
N LYS A 218 -2.04 -12.82 5.24
CA LYS A 218 -2.52 -12.08 4.08
C LYS A 218 -3.78 -11.31 4.42
N SER A 219 -4.61 -11.89 5.28
CA SER A 219 -5.87 -11.30 5.67
C SER A 219 -5.65 -9.98 6.41
N SER A 220 -4.45 -9.82 6.95
CA SER A 220 -4.08 -8.59 7.63
C SER A 220 -4.08 -7.42 6.64
N ASP A 221 -3.73 -7.70 5.39
CA ASP A 221 -3.77 -6.69 4.34
C ASP A 221 -5.20 -6.35 3.95
N LEU A 222 -6.08 -7.35 4.06
CA LEU A 222 -7.47 -7.13 3.73
C LEU A 222 -8.13 -6.23 4.78
N TRP A 223 -7.65 -6.33 6.01
CA TRP A 223 -8.12 -5.44 7.05
C TRP A 223 -7.76 -3.99 6.67
N ALA A 224 -6.50 -3.78 6.32
CA ALA A 224 -6.03 -2.47 5.86
C ALA A 224 -6.86 -1.94 4.71
N LEU A 225 -7.18 -2.83 3.76
CA LEU A 225 -8.01 -2.46 2.62
C LEU A 225 -9.36 -1.95 3.05
N GLY A 226 -9.96 -2.65 4.01
CA GLY A 226 -11.21 -2.19 4.60
C GLY A 226 -11.09 -0.77 5.14
N CYS A 227 -9.99 -0.49 5.83
CA CYS A 227 -9.78 0.84 6.41
C CYS A 227 -9.61 1.90 5.33
N ILE A 228 -9.06 1.47 4.22
CA ILE A 228 -8.73 2.38 3.13
C ILE A 228 -10.00 2.71 2.34
N ILE A 229 -10.83 1.70 2.10
CA ILE A 229 -12.13 1.96 1.46
C ILE A 229 -12.96 2.95 2.28
N TYR A 230 -13.02 2.71 3.59
CA TYR A 230 -13.73 3.59 4.50
C TYR A 230 -13.23 5.02 4.33
N GLN A 231 -11.92 5.18 4.28
CA GLN A 231 -11.31 6.49 4.23
C GLN A 231 -11.55 7.20 2.87
N LEU A 232 -11.61 6.42 1.79
CA LEU A 232 -11.95 6.96 0.46
C LEU A 232 -13.34 7.55 0.48
N VAL A 233 -14.26 6.83 1.11
CA VAL A 233 -15.65 7.20 1.19
C VAL A 233 -15.97 8.27 2.26
N ALA A 234 -15.43 8.10 3.47
CA ALA A 234 -15.71 9.04 4.55
C ALA A 234 -14.77 10.25 4.60
N GLY A 235 -13.59 10.11 4.04
CA GLY A 235 -12.59 11.16 4.08
C GLY A 235 -11.72 11.14 5.34
N LEU A 236 -11.96 10.17 6.23
CA LEU A 236 -11.13 9.95 7.42
C LEU A 236 -11.00 8.45 7.65
N PRO A 237 -9.90 8.00 8.28
CA PRO A 237 -9.74 6.56 8.55
C PRO A 237 -10.77 6.19 9.61
N PRO A 238 -11.13 4.90 9.71
CA PRO A 238 -12.27 4.56 10.60
C PRO A 238 -11.91 4.60 12.08
N PHE A 239 -10.71 4.15 12.44
CA PHE A 239 -10.29 4.11 13.85
C PHE A 239 -9.52 5.37 14.27
N ARG A 240 -10.17 6.16 15.12
CA ARG A 240 -9.66 7.46 15.50
C ARG A 240 -9.72 7.61 17.02
N ALA A 241 -8.63 8.09 17.60
CA ALA A 241 -8.53 8.17 19.06
C ALA A 241 -7.48 9.18 19.46
N GLY A 242 -7.29 9.36 20.76
CA GLY A 242 -6.40 10.39 21.27
C GLY A 242 -4.92 10.11 21.05
N ASN A 243 -4.55 8.83 20.95
CA ASN A 243 -3.17 8.40 20.68
C ASN A 243 -3.15 6.98 20.10
N GLU A 244 -1.97 6.51 19.70
CA GLU A 244 -1.85 5.21 19.03
C GLU A 244 -2.38 4.03 19.84
N TYR A 245 -2.14 4.06 21.15
CA TYR A 245 -2.57 2.99 22.06
C TYR A 245 -4.09 2.98 22.17
N LEU A 246 -4.66 4.18 22.24
CA LEU A 246 -6.11 4.34 22.22
C LEU A 246 -6.70 3.92 20.86
N ILE A 247 -5.97 4.19 19.79
CA ILE A 247 -6.34 3.69 18.47
C ILE A 247 -6.31 2.16 18.45
N PHE A 248 -5.25 1.57 19.01
CA PHE A 248 -5.16 0.12 19.17
C PHE A 248 -6.44 -0.39 19.85
N GLN A 249 -6.90 0.33 20.88
CA GLN A 249 -8.09 -0.11 21.61
C GLN A 249 -9.32 -0.10 20.73
N LYS A 250 -9.51 0.98 19.96
CA LYS A 250 -10.65 1.04 19.02
C LYS A 250 -10.66 -0.18 18.11
N ILE A 251 -9.49 -0.52 17.61
CA ILE A 251 -9.33 -1.58 16.61
C ILE A 251 -9.84 -2.91 17.19
N ILE A 252 -9.31 -3.29 18.34
CA ILE A 252 -9.68 -4.57 18.95
C ILE A 252 -11.09 -4.56 19.50
N LYS A 253 -11.63 -3.36 19.77
CA LYS A 253 -13.05 -3.23 20.16
C LYS A 253 -13.98 -3.18 18.95
N LEU A 254 -13.40 -3.10 17.75
CA LEU A 254 -14.17 -2.88 16.53
C LEU A 254 -15.01 -1.62 16.65
N GLU A 255 -14.40 -0.58 17.22
CA GLU A 255 -15.13 0.63 17.59
C GLU A 255 -14.97 1.72 16.54
N TYR A 256 -15.88 1.75 15.57
CA TYR A 256 -15.91 2.77 14.53
C TYR A 256 -17.36 2.99 14.06
N ASP A 257 -17.60 4.05 13.31
CA ASP A 257 -18.95 4.37 12.87
C ASP A 257 -18.98 4.79 11.41
N PHE A 258 -20.06 4.45 10.71
CA PHE A 258 -20.26 4.87 9.33
C PHE A 258 -21.05 6.19 9.33
N PRO A 259 -20.49 7.26 8.72
CA PRO A 259 -21.30 8.49 8.68
C PRO A 259 -22.54 8.20 7.85
N GLU A 260 -23.47 9.14 7.74
CA GLU A 260 -24.71 8.80 7.05
C GLU A 260 -24.59 8.66 5.54
N LYS A 261 -23.76 9.49 4.90
CA LYS A 261 -23.69 9.49 3.43
C LYS A 261 -22.90 8.32 2.80
N PHE A 262 -22.54 7.32 3.59
CA PHE A 262 -21.73 6.20 3.12
C PHE A 262 -22.47 5.30 2.13
N PHE A 263 -21.89 5.13 0.93
CA PHE A 263 -22.46 4.23 -0.09
C PHE A 263 -22.74 2.83 0.48
N PRO A 264 -24.01 2.40 0.42
CA PRO A 264 -24.50 1.17 1.07
C PRO A 264 -23.70 -0.08 0.71
N LYS A 265 -23.39 -0.24 -0.57
CA LYS A 265 -22.61 -1.39 -0.99
C LYS A 265 -21.16 -1.34 -0.49
N ALA A 266 -20.63 -0.13 -0.35
CA ALA A 266 -19.30 0.05 0.24
C ALA A 266 -19.38 -0.25 1.73
N ARG A 267 -20.40 0.28 2.40
CA ARG A 267 -20.55 -0.01 3.81
C ARG A 267 -20.56 -1.53 3.97
N ASP A 268 -21.26 -2.20 3.08
CA ASP A 268 -21.43 -3.65 3.18
C ASP A 268 -20.09 -4.34 3.03
N LEU A 269 -19.31 -3.93 2.05
CA LEU A 269 -17.97 -4.45 1.85
C LEU A 269 -17.01 -4.21 3.03
N VAL A 270 -17.01 -2.99 3.54
CA VAL A 270 -16.17 -2.62 4.66
C VAL A 270 -16.46 -3.52 5.89
N GLU A 271 -17.74 -3.71 6.20
CA GLU A 271 -18.15 -4.61 7.29
C GLU A 271 -17.64 -6.05 7.10
N LYS A 272 -17.50 -6.48 5.85
CA LYS A 272 -17.00 -7.83 5.54
C LYS A 272 -15.47 -7.90 5.50
N LEU A 273 -14.83 -6.74 5.61
CA LEU A 273 -13.37 -6.69 5.70
C LEU A 273 -12.87 -6.39 7.10
N LEU A 274 -13.51 -5.43 7.78
CA LEU A 274 -13.13 -5.10 9.15
C LEU A 274 -13.81 -6.10 10.10
N VAL A 275 -13.26 -7.32 10.12
CA VAL A 275 -13.75 -8.39 10.96
C VAL A 275 -12.59 -8.84 11.83
N LEU A 276 -12.78 -8.85 13.14
CA LEU A 276 -11.68 -9.16 14.04
C LEU A 276 -11.08 -10.52 13.74
N ASP A 277 -11.92 -11.50 13.45
CA ASP A 277 -11.47 -12.85 13.17
C ASP A 277 -10.86 -12.87 11.78
N ALA A 278 -9.54 -13.04 11.69
CA ALA A 278 -8.83 -12.86 10.42
C ALA A 278 -9.21 -13.93 9.39
N THR A 279 -9.77 -15.03 9.87
CA THR A 279 -10.13 -16.14 9.00
C THR A 279 -11.50 -15.93 8.38
N LYS A 280 -12.16 -14.84 8.74
CA LYS A 280 -13.50 -14.57 8.21
C LYS A 280 -13.63 -13.26 7.42
N ARG A 281 -12.52 -12.70 6.97
CA ARG A 281 -12.60 -11.54 6.09
C ARG A 281 -12.79 -11.96 4.62
N LEU A 282 -13.69 -11.28 3.91
CA LEU A 282 -13.86 -11.48 2.46
C LEU A 282 -12.51 -11.38 1.71
N GLY A 283 -12.16 -12.45 1.00
CA GLY A 283 -10.89 -12.51 0.30
C GLY A 283 -9.78 -13.35 0.93
N CYS A 284 -9.90 -13.73 2.20
CA CYS A 284 -8.86 -14.55 2.84
C CYS A 284 -8.98 -16.02 2.42
N GLU A 285 -7.93 -16.80 2.61
CA GLU A 285 -7.93 -18.20 2.19
C GLU A 285 -9.11 -19.02 2.74
N GLU A 286 -9.40 -18.95 4.02
CA GLU A 286 -10.53 -19.68 4.58
C GLU A 286 -11.85 -19.22 4.01
N MET A 287 -11.93 -17.98 3.57
CA MET A 287 -13.15 -17.50 2.99
C MET A 287 -13.20 -17.83 1.51
N GLU A 288 -12.20 -18.57 1.07
CA GLU A 288 -12.10 -19.03 -0.31
C GLU A 288 -11.37 -18.09 -1.28
N GLY A 289 -10.85 -17.00 -0.78
CA GLY A 289 -10.08 -16.12 -1.62
C GLY A 289 -10.75 -14.99 -2.35
N TYR A 290 -10.03 -14.49 -3.34
CA TYR A 290 -10.41 -13.34 -4.12
C TYR A 290 -11.64 -13.40 -4.97
N GLY A 291 -11.97 -14.59 -5.45
CA GLY A 291 -13.17 -14.80 -6.24
C GLY A 291 -14.38 -14.16 -5.59
N PRO A 292 -14.65 -14.54 -4.34
CA PRO A 292 -15.79 -13.95 -3.63
C PRO A 292 -15.59 -12.44 -3.37
N LEU A 293 -14.36 -12.01 -3.12
CA LEU A 293 -14.10 -10.60 -2.89
C LEU A 293 -14.46 -9.80 -4.14
N LYS A 294 -13.94 -10.24 -5.28
CA LYS A 294 -14.20 -9.55 -6.53
C LYS A 294 -15.67 -9.65 -6.98
N ALA A 295 -16.39 -10.63 -6.45
CA ALA A 295 -17.81 -10.78 -6.79
C ALA A 295 -18.75 -9.91 -5.95
N HIS A 296 -18.22 -9.27 -4.92
CA HIS A 296 -19.04 -8.38 -4.08
C HIS A 296 -19.75 -7.33 -4.94
N PRO A 297 -21.01 -7.05 -4.63
CA PRO A 297 -21.83 -6.13 -5.43
C PRO A 297 -21.17 -4.78 -5.64
N PHE A 298 -20.36 -4.33 -4.69
CA PHE A 298 -19.71 -3.01 -4.81
C PHE A 298 -18.90 -2.98 -6.10
N PHE A 299 -18.44 -4.15 -6.53
CA PHE A 299 -17.57 -4.28 -7.70
C PHE A 299 -18.30 -4.79 -8.95
N GLU A 300 -19.58 -5.11 -8.82
CA GLU A 300 -20.30 -5.83 -9.88
C GLU A 300 -20.14 -5.24 -11.28
N SER A 301 -19.94 -3.93 -11.36
CA SER A 301 -19.80 -3.26 -12.65
C SER A 301 -18.35 -3.24 -13.19
N VAL A 302 -17.40 -3.61 -12.34
CA VAL A 302 -15.97 -3.54 -12.66
C VAL A 302 -15.52 -4.52 -13.74
N THR A 303 -14.72 -4.01 -14.68
CA THR A 303 -14.07 -4.87 -15.67
C THR A 303 -12.64 -5.18 -15.19
N TRP A 304 -12.45 -6.37 -14.63
CA TRP A 304 -11.28 -6.68 -13.84
C TRP A 304 -9.96 -6.89 -14.61
N GLU A 305 -10.01 -7.65 -15.70
CA GLU A 305 -8.77 -8.18 -16.30
C GLU A 305 -7.81 -7.15 -16.88
N ASN A 306 -8.33 -6.05 -17.43
CA ASN A 306 -7.45 -5.05 -18.02
C ASN A 306 -7.61 -3.68 -17.36
N LEU A 307 -7.82 -3.71 -16.05
CA LEU A 307 -7.88 -2.49 -15.27
C LEU A 307 -6.75 -1.53 -15.61
N HIS A 308 -5.54 -2.04 -15.68
CA HIS A 308 -4.37 -1.19 -15.96
C HIS A 308 -4.44 -0.49 -17.33
N GLN A 309 -5.22 -1.03 -18.25
CA GLN A 309 -5.36 -0.43 -19.58
C GLN A 309 -6.55 0.55 -19.73
N GLN A 310 -7.34 0.69 -18.68
CA GLN A 310 -8.50 1.57 -18.75
C GLN A 310 -8.09 2.99 -18.32
N THR A 311 -8.73 4.00 -18.91
CA THR A 311 -8.52 5.37 -18.45
C THR A 311 -9.26 5.54 -17.11
N PRO A 312 -8.52 5.81 -16.02
CA PRO A 312 -9.21 5.94 -14.74
C PRO A 312 -10.25 7.07 -14.77
N PRO A 313 -11.22 7.03 -13.90
CA PRO A 313 -12.21 8.08 -13.81
C PRO A 313 -11.64 9.37 -13.30
N LYS A 314 -12.20 10.48 -13.74
CA LYS A 314 -11.75 11.77 -13.31
C LYS A 314 -11.98 11.88 -11.84
N LEU A 315 -11.00 12.37 -11.12
CA LEU A 315 -11.13 12.33 -9.70
C LEU A 315 -11.98 13.43 -9.11
N THR A 316 -13.14 12.95 -8.71
CA THR A 316 -14.09 13.65 -7.84
C THR A 316 -13.82 15.15 -7.63
SD J30 B . 22.80 -1.62 -4.52
CE J30 B . 23.45 -3.27 -4.48
CH J30 B . 23.28 -3.55 -1.96
CZ J30 B . 22.82 -4.04 -3.33
C12 J30 B . 22.76 -4.52 -0.91
O13 J30 B . 22.02 -5.43 -1.24
N14 J30 B . 23.14 -4.35 0.35
C15 J30 B . 22.65 -5.27 1.37
C16 J30 B . 22.44 -4.47 2.65
C17 J30 B . 24.03 -3.89 4.48
N17 J30 B . 23.76 -4.02 3.06
C18 J30 B . 24.76 -3.68 2.04
C19 J30 B . 24.02 -3.27 0.77
C40 J30 B . 25.07 -2.83 4.74
C41 J30 B . 26.40 -3.20 4.80
C42 J30 B . 27.37 -2.24 5.03
C43 J30 B . 27.01 -0.90 5.20
C44 J30 B . 25.67 -0.54 5.13
C45 J30 B . 24.70 -1.51 4.90
C46 J30 B . 26.76 -4.54 4.63
C47 J30 B . 28.10 -4.91 4.70
C48 J30 B . 29.07 -3.94 4.93
C49 J30 B . 28.72 -2.61 5.09
O32 BI4 C . 8.00 8.11 -7.16
C18 BI4 C . 8.02 7.33 -6.15
C17 BI4 C . 7.80 7.76 -4.75
C16 BI4 C . 7.45 9.15 -4.30
C15 BI4 C . 7.81 9.75 -3.11
C14 BI4 C . 8.54 9.33 -2.02
C13 BI4 C . 8.71 10.20 -0.94
C12 BI4 C . 8.14 11.48 -0.98
C10 BI4 C . 7.22 11.02 -3.16
C11 BI4 C . 7.39 11.88 -2.09
N9 BI4 C . 6.56 11.14 -4.35
C8 BI4 C . 6.68 9.99 -5.09
N19 BI4 C . 8.31 6.00 -6.29
C20 BI4 C . 8.26 5.50 -5.03
O33 BI4 C . 8.47 4.25 -4.80
C21 BI4 C . 7.95 6.53 -3.97
C22 BI4 C . 7.78 6.26 -2.50
C7 BI4 C . 6.84 6.91 -1.72
C23 BI4 C . 8.42 5.27 -1.78
C5 BI4 C . 7.88 5.37 -0.51
C4 BI4 C . 8.35 4.52 0.49
C3 BI4 C . 9.34 3.60 0.19
C2 BI4 C . 9.86 3.51 -1.10
C1 BI4 C . 9.40 4.35 -2.10
N6 BI4 C . 6.94 6.36 -0.49
C24 BI4 C . 6.18 6.76 0.68
C25 BI4 C . 6.76 8.14 1.04
C26 BI4 C . 6.85 8.52 2.51
C27 BI4 C . 5.66 9.40 2.84
C28 BI4 C . 6.05 10.84 2.57
C29 BI4 C . 7.53 10.84 2.18
N30 BI4 C . 7.93 9.49 2.58
C31 BI4 C . 9.30 9.16 2.99
S SO4 D . 7.16 2.05 -14.40
O1 SO4 D . 6.30 1.89 -15.58
O2 SO4 D . 8.48 2.48 -14.83
O3 SO4 D . 7.26 0.78 -13.68
O4 SO4 D . 6.60 3.10 -13.53
S SO4 E . -10.47 7.98 22.93
O1 SO4 E . -10.06 6.78 23.65
O2 SO4 E . -11.54 8.61 23.68
O3 SO4 E . -9.34 8.91 22.76
O4 SO4 E . -10.99 7.58 21.62
S SO4 F . -7.24 10.94 15.27
O1 SO4 F . -8.30 11.43 16.13
O2 SO4 F . -7.60 11.29 13.90
O3 SO4 F . -7.10 9.48 15.41
O4 SO4 F . -6.00 11.62 15.64
S SO4 G . 25.97 12.21 -6.59
O1 SO4 G . 25.17 13.44 -6.73
O2 SO4 G . 27.07 12.45 -5.65
O3 SO4 G . 26.50 11.86 -7.91
O4 SO4 G . 25.15 11.13 -6.08
S SO4 H . 27.56 -1.75 -7.80
O1 SO4 H . 27.64 -0.38 -7.27
O2 SO4 H . 26.68 -1.75 -8.97
O3 SO4 H . 27.07 -2.66 -6.76
O4 SO4 H . 28.89 -2.20 -8.21
S SO4 I . -20.31 -1.16 13.57
O1 SO4 I . -19.53 -0.67 12.43
O2 SO4 I . -20.54 -2.60 13.47
O3 SO4 I . -21.58 -0.43 13.58
O4 SO4 I . -19.56 -0.90 14.82
S SO4 J . 5.33 -13.32 -11.98
O1 SO4 J . 6.41 -14.31 -12.03
O2 SO4 J . 4.23 -13.73 -12.85
O3 SO4 J . 5.84 -12.01 -12.40
O4 SO4 J . 4.83 -13.21 -10.61
S SO4 K . 28.11 -5.42 0.25
O1 SO4 K . 27.85 -6.53 1.17
O2 SO4 K . 27.74 -4.15 0.87
O3 SO4 K . 29.53 -5.40 -0.07
O4 SO4 K . 27.32 -5.62 -0.97
CL CL L . 2.66 13.40 -2.67
CL CL M . -0.58 18.35 -5.69
#